data_7D5G
#
_entry.id   7D5G
#
_cell.length_a   90.729
_cell.length_b   90.729
_cell.length_c   97.723
_cell.angle_alpha   90.000
_cell.angle_beta   90.000
_cell.angle_gamma   90.000
#
_symmetry.space_group_name_H-M   'P 41 21 2'
#
loop_
_entity.id
_entity.type
_entity.pdbx_description
1 polymer 'Cellobiose 2-epimerase'
2 branched beta-D-glucopyranose-(1-4)-beta-D-fructofuranose
3 non-polymer 'CHLORIDE ION'
4 water water
#
_entity_poly.entity_id   1
_entity_poly.type   'polypeptide(L)'
_entity_poly.pdbx_seq_one_letter_code
;MDITRFKEDLKAHLEEKIIPFWQSLKDDEFGGYYGYMDFNLNIDRKAQKGCILNSRILWFFSACYNVLKSEKCKEMAFHA
FEFLKNKFWDKEYEGLFWSVSHKGVPVDVTKHVYVQAFGIYGLSEYYEASGDEEALHMAKRLFEILETKCKRENGYTEQF
ERNWQEKENRFLSENGVIASKTMNTHLHVLESYTNLYRLLKLDDVYEALEWIVRLFVDKIYKKGTGHFKVFCDDNWNELI
KAVSYGHDIEASWLLDQAAKYLKDEKLKEEVEKLALEVAQITLKEAFDGQSLINEMIEDRIDRSKIWWVEAETVVGFFNA
YQKTKEEKYLDAAIKTWEFIKEHLVDRRKNSEWLWKVNEDLEAVNMPIVEQWKCPYHNGRMCLEIIKRV
;
_entity_poly.pdbx_strand_id   A
#
loop_
_chem_comp.id
_chem_comp.type
_chem_comp.name
_chem_comp.formula
BGC D-saccharide, beta linking beta-D-glucopyranose 'C6 H12 O6'
CL non-polymer 'CHLORIDE ION' 'Cl -1'
FRU D-saccharide, beta linking beta-D-fructofuranose 'C6 H12 O6'
#
# COMPACT_ATOMS: atom_id res chain seq x y z
N MET A 1 -21.35 1.98 -17.85
CA MET A 1 -21.01 1.53 -16.50
C MET A 1 -21.26 0.02 -16.35
N ASP A 2 -20.75 -0.76 -17.31
CA ASP A 2 -20.88 -2.21 -17.31
C ASP A 2 -19.82 -2.80 -16.38
N ILE A 3 -20.25 -3.31 -15.22
CA ILE A 3 -19.29 -3.74 -14.20
C ILE A 3 -18.61 -5.04 -14.64
N THR A 4 -19.34 -5.92 -15.33
CA THR A 4 -18.72 -7.18 -15.76
C THR A 4 -17.63 -6.91 -16.80
N ARG A 5 -17.90 -5.99 -17.73
CA ARG A 5 -16.90 -5.60 -18.71
C ARG A 5 -15.71 -4.94 -18.02
N PHE A 6 -15.98 -4.10 -17.02
CA PHE A 6 -14.91 -3.44 -16.27
C PHE A 6 -14.00 -4.47 -15.63
N LYS A 7 -14.60 -5.46 -14.96
CA LYS A 7 -13.82 -6.50 -14.30
C LYS A 7 -13.01 -7.32 -15.31
N GLU A 8 -13.59 -7.63 -16.47
N GLU A 8 -13.64 -7.66 -16.44
CA GLU A 8 -12.83 -8.46 -17.41
CA GLU A 8 -12.95 -8.41 -17.49
C GLU A 8 -11.71 -7.66 -18.07
C GLU A 8 -11.73 -7.64 -17.98
N ASP A 9 -11.89 -6.34 -18.20
CA ASP A 9 -10.80 -5.48 -18.67
CA ASP A 9 -10.77 -5.53 -18.69
C ASP A 9 -9.65 -5.47 -17.66
N LEU A 10 -10.00 -5.35 -16.37
CA LEU A 10 -8.96 -5.34 -15.35
C LEU A 10 -8.24 -6.69 -15.28
N LYS A 11 -8.99 -7.78 -15.36
CA LYS A 11 -8.36 -9.11 -15.33
C LYS A 11 -7.44 -9.32 -16.54
N ALA A 12 -7.90 -8.93 -17.73
CA ALA A 12 -7.06 -9.03 -18.91
C ALA A 12 -5.80 -8.19 -18.78
N HIS A 13 -5.94 -6.96 -18.24
CA HIS A 13 -4.78 -6.10 -18.07
C HIS A 13 -3.78 -6.70 -17.08
N LEU A 14 -4.28 -7.21 -15.96
CA LEU A 14 -3.42 -7.85 -14.97
C LEU A 14 -2.67 -9.03 -15.58
N GLU A 15 -3.37 -9.87 -16.36
CA GLU A 15 -2.73 -11.06 -16.90
C GLU A 15 -1.83 -10.77 -18.10
N GLU A 16 -2.17 -9.81 -18.94
CA GLU A 16 -1.38 -9.55 -20.13
C GLU A 16 -0.28 -8.50 -19.95
N LYS A 17 -0.42 -7.56 -19.02
CA LYS A 17 0.52 -6.47 -18.86
C LYS A 17 1.29 -6.54 -17.55
N ILE A 18 0.59 -6.55 -16.41
CA ILE A 18 1.27 -6.39 -15.12
C ILE A 18 2.01 -7.67 -14.72
N ILE A 19 1.33 -8.81 -14.71
CA ILE A 19 1.97 -10.06 -14.28
C ILE A 19 3.21 -10.38 -15.11
N PRO A 20 3.15 -10.40 -16.45
CA PRO A 20 4.37 -10.75 -17.20
C PRO A 20 5.49 -9.75 -17.01
N PHE A 21 5.20 -8.47 -16.83
CA PHE A 21 6.26 -7.51 -16.58
C PHE A 21 7.00 -7.85 -15.30
N TRP A 22 6.26 -8.06 -14.21
CA TRP A 22 6.94 -8.32 -12.94
C TRP A 22 7.61 -9.69 -12.93
N GLN A 23 7.06 -10.69 -13.66
CA GLN A 23 7.78 -11.97 -13.77
C GLN A 23 9.13 -11.78 -14.47
N SER A 24 9.21 -10.86 -15.42
CA SER A 24 10.46 -10.65 -16.14
C SER A 24 11.55 -10.01 -15.28
N LEU A 25 11.23 -9.54 -14.09
CA LEU A 25 12.22 -8.97 -13.19
C LEU A 25 12.78 -9.98 -12.18
N LYS A 26 12.40 -11.24 -12.28
CA LYS A 26 12.93 -12.25 -11.38
C LYS A 26 14.44 -12.37 -11.55
N ASP A 27 15.15 -12.29 -10.44
CA ASP A 27 16.61 -12.46 -10.42
C ASP A 27 16.92 -13.88 -9.96
N ASP A 28 17.17 -14.75 -10.93
CA ASP A 28 17.50 -16.14 -10.61
C ASP A 28 18.97 -16.32 -10.23
N GLU A 29 19.83 -15.35 -10.54
CA GLU A 29 21.26 -15.54 -10.23
C GLU A 29 21.56 -15.22 -8.79
N PHE A 30 20.91 -14.20 -8.22
CA PHE A 30 21.22 -13.74 -6.88
C PHE A 30 20.03 -13.84 -5.93
N GLY A 31 18.83 -14.13 -6.42
CA GLY A 31 17.63 -14.16 -5.62
C GLY A 31 16.86 -12.86 -5.71
N GLY A 32 15.60 -12.91 -5.30
CA GLY A 32 14.80 -11.69 -5.32
C GLY A 32 14.48 -11.24 -6.74
N TYR A 33 14.21 -9.95 -6.86
CA TYR A 33 13.83 -9.29 -8.10
C TYR A 33 14.72 -8.08 -8.32
N TYR A 34 14.99 -7.74 -9.57
CA TYR A 34 15.83 -6.59 -9.83
C TYR A 34 15.24 -5.33 -9.21
N GLY A 35 16.11 -4.45 -8.70
CA GLY A 35 15.71 -3.36 -7.83
C GLY A 35 15.32 -2.07 -8.50
N TYR A 36 15.66 -1.89 -9.77
CA TYR A 36 15.51 -0.57 -10.37
C TYR A 36 15.35 -0.69 -11.88
N MET A 37 14.45 0.10 -12.44
CA MET A 37 14.37 0.26 -13.88
C MET A 37 14.07 1.72 -14.17
N ASP A 38 14.85 2.33 -15.07
CA ASP A 38 14.74 3.77 -15.24
C ASP A 38 13.63 4.10 -16.25
N PHE A 39 13.42 5.40 -16.46
CA PHE A 39 12.35 5.89 -17.32
C PHE A 39 12.47 5.34 -18.74
N ASN A 40 13.69 5.07 -19.20
CA ASN A 40 13.91 4.55 -20.53
C ASN A 40 13.91 3.03 -20.59
N LEU A 41 13.42 2.38 -19.53
CA LEU A 41 13.27 0.93 -19.45
C LEU A 41 14.60 0.19 -19.32
N ASN A 42 15.66 0.86 -18.87
CA ASN A 42 16.93 0.19 -18.58
C ASN A 42 16.87 -0.40 -17.17
N ILE A 43 17.01 -1.71 -17.07
CA ILE A 43 17.14 -2.38 -15.78
C ILE A 43 18.55 -2.21 -15.25
N ASP A 44 18.68 -1.85 -13.97
CA ASP A 44 19.95 -1.90 -13.27
C ASP A 44 19.95 -3.19 -12.44
N ARG A 45 20.53 -4.25 -13.01
CA ARG A 45 20.53 -5.54 -12.34
C ARG A 45 21.30 -5.48 -11.04
N LYS A 46 22.27 -4.59 -10.93
CA LYS A 46 23.13 -4.51 -9.75
C LYS A 46 22.67 -3.41 -8.79
N ALA A 47 21.47 -2.87 -8.99
CA ALA A 47 20.92 -1.88 -8.06
C ALA A 47 20.64 -2.51 -6.71
N GLN A 48 20.64 -1.70 -5.67
CA GLN A 48 20.17 -2.22 -4.39
C GLN A 48 18.69 -2.61 -4.53
N LYS A 49 18.28 -3.54 -3.67
CA LYS A 49 16.93 -4.10 -3.66
C LYS A 49 16.21 -3.61 -2.41
N GLY A 50 15.17 -2.81 -2.62
CA GLY A 50 14.39 -2.27 -1.49
C GLY A 50 13.50 -3.34 -0.86
N CYS A 51 13.39 -3.26 0.46
CA CYS A 51 12.56 -4.23 1.16
C CYS A 51 11.08 -4.01 0.88
N ILE A 52 10.66 -2.75 0.78
CA ILE A 52 9.26 -2.47 0.47
C ILE A 52 8.90 -3.07 -0.89
N LEU A 53 9.76 -2.85 -1.88
CA LEU A 53 9.58 -3.44 -3.20
C LEU A 53 9.48 -4.96 -3.11
N ASN A 54 10.41 -5.62 -2.39
CA ASN A 54 10.33 -7.07 -2.31
C ASN A 54 9.06 -7.54 -1.63
N SER A 55 8.66 -6.91 -0.52
CA SER A 55 7.43 -7.32 0.17
C SER A 55 6.19 -7.07 -0.66
N ARG A 56 6.18 -5.97 -1.43
CA ARG A 56 5.05 -5.70 -2.31
C ARG A 56 5.00 -6.72 -3.45
N ILE A 57 6.16 -7.14 -3.97
CA ILE A 57 6.18 -8.22 -4.95
C ILE A 57 5.68 -9.53 -4.32
N LEU A 58 6.11 -9.82 -3.09
CA LEU A 58 5.61 -11.02 -2.40
C LEU A 58 4.10 -10.96 -2.22
N TRP A 59 3.59 -9.83 -1.75
CA TRP A 59 2.14 -9.69 -1.61
C TRP A 59 1.45 -9.90 -2.94
N PHE A 60 1.95 -9.25 -3.98
CA PHE A 60 1.30 -9.24 -5.28
C PHE A 60 1.18 -10.64 -5.86
N PHE A 61 2.31 -11.37 -5.94
CA PHE A 61 2.21 -12.69 -6.54
C PHE A 61 1.42 -13.66 -5.67
N SER A 62 1.48 -13.51 -4.34
CA SER A 62 0.64 -14.32 -3.47
C SER A 62 -0.82 -14.04 -3.72
N ALA A 63 -1.20 -12.76 -3.80
CA ALA A 63 -2.58 -12.40 -4.08
C ALA A 63 -3.01 -12.85 -5.47
N CYS A 64 -2.11 -12.73 -6.46
CA CYS A 64 -2.43 -13.29 -7.78
C CYS A 64 -2.79 -14.77 -7.68
N TYR A 65 -2.00 -15.55 -6.93
CA TYR A 65 -2.40 -16.94 -6.76
C TYR A 65 -3.75 -17.04 -6.04
N ASN A 66 -3.93 -16.30 -4.94
CA ASN A 66 -5.17 -16.46 -4.18
C ASN A 66 -6.41 -16.14 -5.00
N VAL A 67 -6.33 -15.17 -5.92
CA VAL A 67 -7.49 -14.78 -6.72
C VAL A 67 -7.58 -15.57 -8.03
N LEU A 68 -6.47 -15.70 -8.76
CA LEU A 68 -6.48 -16.29 -10.08
C LEU A 68 -6.08 -17.77 -10.09
N LYS A 69 -5.48 -18.27 -9.02
CA LYS A 69 -5.04 -19.67 -8.90
C LYS A 69 -3.90 -19.99 -9.88
N SER A 70 -3.08 -19.01 -10.22
CA SER A 70 -1.93 -19.21 -11.09
C SER A 70 -0.78 -19.85 -10.30
N GLU A 71 -0.46 -21.12 -10.60
CA GLU A 71 0.66 -21.76 -9.90
C GLU A 71 1.99 -21.07 -10.20
N LYS A 72 2.17 -20.55 -11.43
CA LYS A 72 3.41 -19.85 -11.70
C LYS A 72 3.54 -18.61 -10.83
N CYS A 73 2.41 -17.93 -10.58
CA CYS A 73 2.47 -16.79 -9.68
C CYS A 73 2.84 -17.23 -8.27
N LYS A 74 2.36 -18.40 -7.84
CA LYS A 74 2.74 -18.89 -6.52
C LYS A 74 4.25 -19.14 -6.43
N GLU A 75 4.84 -19.66 -7.51
CA GLU A 75 6.29 -19.84 -7.55
C GLU A 75 7.03 -18.51 -7.48
N MET A 76 6.50 -17.47 -8.14
CA MET A 76 7.15 -16.18 -8.06
C MET A 76 7.07 -15.62 -6.66
N ALA A 77 5.96 -15.90 -5.98
CA ALA A 77 5.84 -15.51 -4.59
C ALA A 77 6.86 -16.25 -3.73
N PHE A 78 7.00 -17.57 -3.95
CA PHE A 78 8.00 -18.32 -3.21
C PHE A 78 9.38 -17.67 -3.36
N HIS A 79 9.71 -17.25 -4.58
CA HIS A 79 11.00 -16.62 -4.83
C HIS A 79 11.16 -15.35 -4.00
N ALA A 80 10.10 -14.52 -3.93
CA ALA A 80 10.17 -13.32 -3.11
C ALA A 80 10.22 -13.65 -1.62
N PHE A 81 9.52 -14.70 -1.20
CA PHE A 81 9.54 -15.11 0.20
C PHE A 81 10.93 -15.56 0.62
N GLU A 82 11.59 -16.37 -0.22
CA GLU A 82 12.93 -16.83 0.10
C GLU A 82 13.89 -15.65 0.28
N PHE A 83 13.80 -14.65 -0.59
CA PHE A 83 14.71 -13.51 -0.46
C PHE A 83 14.40 -12.70 0.81
N LEU A 84 13.12 -12.56 1.16
CA LEU A 84 12.76 -11.92 2.42
C LEU A 84 13.36 -12.67 3.60
N LYS A 85 13.12 -13.98 3.64
CA LYS A 85 13.55 -14.81 4.77
C LYS A 85 15.08 -14.85 4.88
N ASN A 86 15.77 -14.95 3.75
CA ASN A 86 17.21 -15.17 3.75
C ASN A 86 18.03 -13.89 3.81
N LYS A 87 17.52 -12.80 3.21
CA LYS A 87 18.32 -11.59 3.07
C LYS A 87 17.73 -10.39 3.78
N PHE A 88 16.41 -10.18 3.71
CA PHE A 88 15.88 -9.00 4.38
C PHE A 88 15.69 -9.20 5.88
N TRP A 89 15.52 -10.44 6.33
CA TRP A 89 15.34 -10.69 7.75
C TRP A 89 16.69 -10.64 8.46
N ASP A 90 16.79 -9.76 9.45
CA ASP A 90 18.03 -9.54 10.19
C ASP A 90 18.28 -10.69 11.17
N LYS A 91 19.26 -11.54 10.87
CA LYS A 91 19.58 -12.67 11.73
C LYS A 91 20.08 -12.27 13.12
N GLU A 92 20.57 -11.04 13.30
N GLU A 92 20.61 -11.06 13.27
CA GLU A 92 21.17 -10.63 14.57
CA GLU A 92 21.13 -10.65 14.57
C GLU A 92 20.20 -9.89 15.48
C GLU A 92 20.03 -10.05 15.44
N TYR A 93 19.33 -9.04 14.93
CA TYR A 93 18.41 -8.24 15.73
C TYR A 93 16.94 -8.42 15.37
N GLU A 94 16.64 -9.25 14.37
CA GLU A 94 15.27 -9.52 13.91
C GLU A 94 14.65 -8.32 13.21
N GLY A 95 13.51 -8.55 12.59
CA GLY A 95 12.90 -7.52 11.77
C GLY A 95 13.59 -7.41 10.42
N LEU A 96 13.03 -6.56 9.55
CA LEU A 96 13.46 -6.45 8.16
C LEU A 96 14.29 -5.19 7.92
N PHE A 97 15.40 -5.36 7.20
CA PHE A 97 16.21 -4.21 6.77
C PHE A 97 15.45 -3.35 5.77
N TRP A 98 15.88 -2.08 5.67
CA TRP A 98 15.33 -1.18 4.67
C TRP A 98 15.72 -1.57 3.25
N SER A 99 16.99 -1.92 3.02
CA SER A 99 17.44 -2.30 1.69
C SER A 99 18.67 -3.20 1.80
N VAL A 100 18.84 -4.04 0.78
CA VAL A 100 20.02 -4.89 0.67
C VAL A 100 20.60 -4.69 -0.73
N SER A 101 21.83 -5.19 -0.92
CA SER A 101 22.45 -5.09 -2.24
C SER A 101 21.81 -6.10 -3.19
N HIS A 102 22.19 -6.05 -4.46
CA HIS A 102 21.68 -7.04 -5.41
C HIS A 102 22.01 -8.47 -4.98
N LYS A 103 23.10 -8.64 -4.20
CA LYS A 103 23.49 -9.95 -3.66
C LYS A 103 22.80 -10.27 -2.34
N GLY A 104 22.16 -9.30 -1.71
CA GLY A 104 21.57 -9.50 -0.41
C GLY A 104 22.39 -9.01 0.75
N VAL A 105 23.49 -8.30 0.49
CA VAL A 105 24.27 -7.71 1.58
C VAL A 105 23.50 -6.53 2.16
N PRO A 106 23.34 -6.45 3.49
CA PRO A 106 22.59 -5.33 4.06
C PRO A 106 23.22 -3.99 3.70
N VAL A 107 22.43 -3.07 3.16
CA VAL A 107 22.92 -1.75 2.76
C VAL A 107 22.36 -0.65 3.65
N ASP A 108 21.03 -0.55 3.76
CA ASP A 108 20.41 0.33 4.73
C ASP A 108 19.79 -0.58 5.79
N VAL A 109 20.41 -0.61 6.98
CA VAL A 109 20.03 -1.57 8.02
C VAL A 109 19.04 -0.96 9.00
N THR A 110 18.56 0.25 8.74
CA THR A 110 17.65 0.80 9.73
C THR A 110 16.31 0.05 9.66
N LYS A 111 15.61 0.10 10.79
CA LYS A 111 14.37 -0.65 10.98
C LYS A 111 13.23 0.36 11.03
N HIS A 112 12.41 0.36 9.99
N HIS A 112 12.37 0.28 10.02
CA HIS A 112 11.27 1.27 9.95
CA HIS A 112 11.25 1.20 9.86
C HIS A 112 9.97 0.49 10.07
C HIS A 112 9.94 0.46 10.08
N VAL A 113 9.03 1.07 10.85
CA VAL A 113 7.73 0.44 11.06
C VAL A 113 7.04 0.21 9.73
N TYR A 114 7.16 1.14 8.79
CA TYR A 114 6.51 0.98 7.48
C TYR A 114 6.96 -0.31 6.80
N VAL A 115 8.26 -0.59 6.89
CA VAL A 115 8.83 -1.80 6.29
C VAL A 115 8.32 -3.05 7.00
N GLN A 116 8.28 -3.02 8.33
CA GLN A 116 7.79 -4.19 9.04
C GLN A 116 6.34 -4.48 8.70
N ALA A 117 5.54 -3.42 8.57
CA ALA A 117 4.14 -3.60 8.24
C ALA A 117 3.97 -4.28 6.88
N PHE A 118 4.72 -3.82 5.87
CA PHE A 118 4.60 -4.45 4.57
C PHE A 118 5.12 -5.88 4.61
N GLY A 119 6.09 -6.15 5.49
CA GLY A 119 6.47 -7.54 5.74
C GLY A 119 5.30 -8.38 6.24
N ILE A 120 4.55 -7.86 7.21
CA ILE A 120 3.40 -8.60 7.73
C ILE A 120 2.37 -8.82 6.63
N TYR A 121 2.10 -7.77 5.86
CA TYR A 121 1.12 -7.84 4.78
C TYR A 121 1.48 -8.91 3.75
N GLY A 122 2.73 -8.89 3.29
CA GLY A 122 3.13 -9.87 2.28
C GLY A 122 3.27 -11.28 2.83
N LEU A 123 3.80 -11.41 4.06
CA LEU A 123 3.97 -12.74 4.65
C LEU A 123 2.63 -13.40 4.93
N SER A 124 1.68 -12.64 5.46
CA SER A 124 0.36 -13.23 5.73
C SER A 124 -0.31 -13.65 4.42
N GLU A 125 -0.23 -12.82 3.36
CA GLU A 125 -0.80 -13.22 2.09
C GLU A 125 -0.11 -14.46 1.53
N TYR A 126 1.22 -14.56 1.70
CA TYR A 126 1.94 -15.74 1.25
C TYR A 126 1.50 -16.99 2.02
N TYR A 127 1.26 -16.85 3.33
CA TYR A 127 0.75 -18.00 4.08
C TYR A 127 -0.55 -18.49 3.48
N GLU A 128 -1.45 -17.58 3.12
CA GLU A 128 -2.71 -18.00 2.52
C GLU A 128 -2.47 -18.72 1.21
N ALA A 129 -1.53 -18.23 0.40
CA ALA A 129 -1.31 -18.80 -0.92
C ALA A 129 -0.60 -20.14 -0.84
N SER A 130 0.35 -20.28 0.09
CA SER A 130 1.26 -21.43 0.07
C SER A 130 0.90 -22.49 1.07
N GLY A 131 0.19 -22.14 2.14
CA GLY A 131 0.00 -23.04 3.27
C GLY A 131 1.20 -23.16 4.20
N ASP A 132 2.24 -22.35 4.01
CA ASP A 132 3.50 -22.49 4.75
C ASP A 132 3.39 -21.69 6.04
N GLU A 133 3.19 -22.39 7.16
CA GLU A 133 3.00 -21.73 8.47
C GLU A 133 4.19 -20.88 8.90
N GLU A 134 5.40 -21.18 8.42
CA GLU A 134 6.53 -20.35 8.80
C GLU A 134 6.30 -18.90 8.40
N ALA A 135 5.66 -18.68 7.25
CA ALA A 135 5.37 -17.30 6.85
C ALA A 135 4.45 -16.62 7.84
N LEU A 136 3.43 -17.31 8.34
CA LEU A 136 2.56 -16.72 9.34
C LEU A 136 3.31 -16.52 10.65
N HIS A 137 4.20 -17.46 11.03
CA HIS A 137 4.98 -17.27 12.24
C HIS A 137 5.88 -16.05 12.13
N MET A 138 6.51 -15.82 10.95
CA MET A 138 7.30 -14.62 10.80
C MET A 138 6.45 -13.37 10.84
N ALA A 139 5.27 -13.39 10.22
CA ALA A 139 4.35 -12.25 10.31
C ALA A 139 4.00 -11.95 11.76
N LYS A 140 3.72 -13.00 12.53
CA LYS A 140 3.35 -12.80 13.93
C LYS A 140 4.54 -12.25 14.73
N ARG A 141 5.76 -12.67 14.40
CA ARG A 141 6.91 -12.15 15.13
C ARG A 141 7.11 -10.66 14.81
N LEU A 142 6.91 -10.26 13.55
CA LEU A 142 6.98 -8.84 13.23
C LEU A 142 5.91 -8.06 13.98
N PHE A 143 4.70 -8.62 14.08
CA PHE A 143 3.65 -8.00 14.88
C PHE A 143 4.10 -7.81 16.32
N GLU A 144 4.68 -8.85 16.92
CA GLU A 144 5.14 -8.75 18.31
C GLU A 144 6.19 -7.68 18.48
N ILE A 145 7.12 -7.59 17.53
CA ILE A 145 8.16 -6.55 17.57
C ILE A 145 7.54 -5.16 17.51
N LEU A 146 6.57 -4.95 16.60
CA LEU A 146 5.95 -3.63 16.54
C LEU A 146 5.27 -3.27 17.86
N GLU A 147 4.56 -4.22 18.45
CA GLU A 147 3.79 -3.95 19.66
C GLU A 147 4.67 -3.78 20.89
N THR A 148 5.82 -4.46 20.95
N THR A 148 5.79 -4.49 20.95
CA THR A 148 6.63 -4.48 22.17
CA THR A 148 6.65 -4.50 22.14
C THR A 148 7.87 -3.61 22.10
C THR A 148 7.75 -3.45 22.08
N LYS A 149 8.33 -3.24 20.90
CA LYS A 149 9.48 -2.35 20.76
C LYS A 149 9.14 -1.00 20.17
N CYS A 150 8.02 -0.85 19.47
CA CYS A 150 7.79 0.34 18.66
C CYS A 150 6.57 1.13 19.08
N LYS A 151 5.70 0.57 19.89
CA LYS A 151 4.41 1.18 20.17
C LYS A 151 4.47 2.01 21.45
N ARG A 152 3.89 3.21 21.39
CA ARG A 152 3.74 4.06 22.57
C ARG A 152 2.29 4.53 22.68
N GLU A 153 2.01 5.42 23.64
CA GLU A 153 0.62 5.81 23.91
C GLU A 153 -0.06 6.40 22.68
N ASN A 154 0.65 7.18 21.87
CA ASN A 154 0.05 7.90 20.75
C ASN A 154 0.31 7.24 19.40
N GLY A 155 0.76 5.99 19.40
CA GLY A 155 1.02 5.32 18.14
C GLY A 155 2.45 4.80 18.11
N TYR A 156 2.93 4.53 16.90
CA TYR A 156 4.21 3.87 16.71
C TYR A 156 5.33 4.89 16.53
N THR A 157 6.44 4.68 17.23
CA THR A 157 7.70 5.30 16.85
C THR A 157 8.16 4.65 15.56
N GLU A 158 8.46 5.47 14.54
CA GLU A 158 8.45 4.94 13.18
C GLU A 158 9.81 4.48 12.67
N GLN A 159 10.93 5.03 13.16
CA GLN A 159 12.26 4.71 12.64
C GLN A 159 13.23 4.36 13.76
N PHE A 160 14.03 3.30 13.54
CA PHE A 160 14.99 2.83 14.53
C PHE A 160 16.32 2.50 13.83
N GLU A 161 17.39 2.47 14.61
CA GLU A 161 18.64 1.88 14.13
C GLU A 161 18.49 0.37 14.01
N ARG A 162 19.52 -0.29 13.45
CA ARG A 162 19.43 -1.73 13.23
C ARG A 162 19.10 -2.48 14.51
N ASN A 163 19.62 -2.00 15.65
CA ASN A 163 19.47 -2.69 16.92
C ASN A 163 18.26 -2.21 17.72
N TRP A 164 17.31 -1.52 17.07
CA TRP A 164 16.04 -1.07 17.65
C TRP A 164 16.20 0.07 18.65
N GLN A 165 17.30 0.83 18.58
CA GLN A 165 17.40 2.11 19.27
C GLN A 165 16.74 3.20 18.43
N GLU A 166 15.93 4.04 19.07
N GLU A 166 15.91 4.04 19.07
CA GLU A 166 15.11 5.02 18.39
CA GLU A 166 15.07 4.98 18.34
C GLU A 166 15.94 5.94 17.49
C GLU A 166 15.90 5.97 17.53
N LYS A 167 15.29 6.46 16.44
CA LYS A 167 15.93 7.36 15.50
C LYS A 167 14.91 8.38 15.00
N GLU A 168 15.39 9.45 14.37
CA GLU A 168 14.49 10.45 13.80
C GLU A 168 13.82 9.91 12.54
N ASN A 169 12.51 10.17 12.42
CA ASN A 169 11.70 9.57 11.35
C ASN A 169 11.85 10.38 10.05
N ARG A 170 13.00 10.20 9.42
CA ARG A 170 13.31 10.97 8.21
C ARG A 170 12.84 10.27 6.94
N PHE A 171 12.93 8.93 6.87
CA PHE A 171 12.57 8.24 5.63
C PHE A 171 11.09 8.36 5.28
N LEU A 172 10.23 8.68 6.25
CA LEU A 172 8.80 8.81 6.00
C LEU A 172 8.30 10.25 6.16
N SER A 173 9.19 11.20 6.43
CA SER A 173 8.82 12.61 6.44
C SER A 173 9.05 13.24 5.07
N GLU A 174 8.27 14.27 4.76
CA GLU A 174 8.39 15.00 3.51
C GLU A 174 8.11 16.47 3.77
N ASN A 175 8.50 17.31 2.79
CA ASN A 175 8.23 18.74 2.81
C ASN A 175 9.04 19.47 3.89
N GLY A 176 10.29 19.06 4.09
CA GLY A 176 11.20 19.76 4.96
C GLY A 176 10.87 19.72 6.44
N VAL A 177 9.93 18.89 6.86
CA VAL A 177 9.59 18.73 8.27
C VAL A 177 9.88 17.30 8.67
N ILE A 178 10.48 17.11 9.85
CA ILE A 178 10.76 15.79 10.38
C ILE A 178 9.55 15.40 11.24
N ALA A 179 8.65 14.61 10.67
CA ALA A 179 7.44 14.21 11.39
C ALA A 179 7.70 12.92 12.14
N SER A 180 7.40 12.93 13.44
CA SER A 180 7.51 11.70 14.22
C SER A 180 6.26 10.83 14.16
N LYS A 181 5.16 11.37 13.63
CA LYS A 181 3.93 10.60 13.43
C LYS A 181 3.44 10.89 12.01
N THR A 182 3.34 9.85 11.19
CA THR A 182 2.81 10.02 9.84
C THR A 182 1.57 9.16 9.64
N MET A 183 0.57 9.74 8.96
CA MET A 183 -0.61 8.96 8.60
C MET A 183 -0.20 7.75 7.77
N ASN A 184 0.76 7.95 6.86
CA ASN A 184 1.24 6.92 5.94
C ASN A 184 1.68 5.66 6.67
N THR A 185 2.64 5.79 7.60
CA THR A 185 3.08 4.62 8.35
C THR A 185 1.91 3.97 9.09
N HIS A 186 1.08 4.77 9.74
CA HIS A 186 0.01 4.19 10.56
C HIS A 186 -1.05 3.51 9.71
N LEU A 187 -1.29 4.04 8.51
CA LEU A 187 -2.25 3.41 7.61
C LEU A 187 -1.78 2.03 7.18
N HIS A 188 -0.47 1.86 6.97
CA HIS A 188 -0.01 0.58 6.50
C HIS A 188 0.16 -0.40 7.65
N VAL A 189 0.37 0.09 8.87
CA VAL A 189 0.18 -0.80 10.03
C VAL A 189 -1.25 -1.33 10.05
N LEU A 190 -2.24 -0.43 9.96
CA LEU A 190 -3.64 -0.84 9.94
CA LEU A 190 -3.65 -0.82 9.93
C LEU A 190 -3.90 -1.87 8.84
N GLU A 191 -3.41 -1.61 7.63
CA GLU A 191 -3.59 -2.53 6.51
C GLU A 191 -3.01 -3.91 6.81
N SER A 192 -1.79 -3.95 7.34
CA SER A 192 -1.16 -5.24 7.57
C SER A 192 -1.85 -6.00 8.71
N TYR A 193 -2.32 -5.28 9.74
CA TYR A 193 -2.98 -5.94 10.86
C TYR A 193 -4.35 -6.47 10.45
N THR A 194 -5.01 -5.82 9.49
CA THR A 194 -6.25 -6.36 8.94
C THR A 194 -6.00 -7.68 8.25
N ASN A 195 -4.96 -7.74 7.40
CA ASN A 195 -4.65 -8.98 6.70
C ASN A 195 -4.20 -10.07 7.68
N LEU A 196 -3.41 -9.69 8.69
CA LEU A 196 -2.97 -10.68 9.67
C LEU A 196 -4.17 -11.26 10.41
N TYR A 197 -5.03 -10.39 10.95
CA TYR A 197 -6.19 -10.85 11.70
C TYR A 197 -7.12 -11.69 10.84
N ARG A 198 -7.29 -11.33 9.57
CA ARG A 198 -8.13 -12.09 8.66
C ARG A 198 -7.71 -13.56 8.66
N LEU A 199 -6.40 -13.82 8.76
CA LEU A 199 -5.82 -15.15 8.63
C LEU A 199 -5.39 -15.77 9.97
N LEU A 200 -5.37 -14.99 11.05
CA LEU A 200 -4.86 -15.44 12.34
C LEU A 200 -5.73 -14.81 13.43
N LYS A 201 -6.71 -15.56 13.92
CA LYS A 201 -7.74 -15.04 14.82
C LYS A 201 -7.25 -15.13 16.26
N LEU A 202 -6.34 -14.23 16.62
CA LEU A 202 -5.80 -14.17 17.97
C LEU A 202 -6.28 -12.88 18.65
N ASP A 203 -6.61 -13.00 19.94
CA ASP A 203 -7.11 -11.84 20.68
C ASP A 203 -6.15 -10.66 20.64
N ASP A 204 -4.84 -10.91 20.78
CA ASP A 204 -3.86 -9.82 20.78
CA ASP A 204 -3.90 -9.80 20.80
C ASP A 204 -3.87 -9.07 19.45
N VAL A 205 -3.98 -9.81 18.36
CA VAL A 205 -4.06 -9.17 17.05
C VAL A 205 -5.37 -8.39 16.92
N TYR A 206 -6.49 -8.97 17.35
CA TYR A 206 -7.73 -8.22 17.29
C TYR A 206 -7.61 -6.92 18.06
N GLU A 207 -7.10 -6.97 19.29
N GLU A 207 -7.11 -6.97 19.30
CA GLU A 207 -7.05 -5.78 20.12
CA GLU A 207 -7.08 -5.76 20.10
C GLU A 207 -6.16 -4.72 19.49
C GLU A 207 -6.19 -4.70 19.46
N ALA A 208 -5.09 -5.13 18.83
CA ALA A 208 -4.23 -4.15 18.16
C ALA A 208 -4.89 -3.60 16.90
N LEU A 209 -5.69 -4.41 16.22
CA LEU A 209 -6.45 -3.89 15.08
C LEU A 209 -7.46 -2.84 15.55
N GLU A 210 -8.26 -3.17 16.57
CA GLU A 210 -9.20 -2.18 17.08
C GLU A 210 -8.48 -0.92 17.55
N TRP A 211 -7.32 -1.08 18.19
CA TRP A 211 -6.58 0.07 18.71
C TRP A 211 -6.16 1.02 17.61
N ILE A 212 -5.64 0.48 16.50
CA ILE A 212 -5.17 1.40 15.46
C ILE A 212 -6.35 2.01 14.71
N VAL A 213 -7.45 1.27 14.54
CA VAL A 213 -8.69 1.86 14.01
C VAL A 213 -9.12 3.04 14.88
N ARG A 214 -9.11 2.84 16.20
CA ARG A 214 -9.53 3.91 17.11
C ARG A 214 -8.62 5.12 16.98
N LEU A 215 -7.30 4.89 16.82
CA LEU A 215 -6.39 6.01 16.65
C LEU A 215 -6.74 6.81 15.40
N PHE A 216 -7.09 6.13 14.31
CA PHE A 216 -7.52 6.86 13.11
C PHE A 216 -8.77 7.69 13.39
N VAL A 217 -9.76 7.11 14.07
CA VAL A 217 -11.01 7.82 14.29
C VAL A 217 -10.77 9.00 15.23
N ASP A 218 -9.98 8.80 16.27
CA ASP A 218 -9.92 9.79 17.35
C ASP A 218 -8.80 10.80 17.21
N LYS A 219 -7.70 10.47 16.54
CA LYS A 219 -6.52 11.31 16.48
C LYS A 219 -6.11 11.71 15.08
N ILE A 220 -6.23 10.82 14.09
CA ILE A 220 -5.63 11.10 12.79
C ILE A 220 -6.63 11.79 11.87
N TYR A 221 -7.89 11.38 11.93
CA TYR A 221 -8.90 12.01 11.10
C TYR A 221 -9.26 13.39 11.65
N LYS A 222 -9.54 14.32 10.76
CA LYS A 222 -10.05 15.63 11.13
C LYS A 222 -11.55 15.64 10.87
N LYS A 223 -12.36 15.58 11.94
CA LYS A 223 -13.79 15.30 11.79
C LYS A 223 -14.46 16.36 10.93
N GLY A 224 -15.33 15.88 10.02
CA GLY A 224 -16.07 16.75 9.13
C GLY A 224 -15.31 17.28 7.95
N THR A 225 -14.00 17.02 7.84
CA THR A 225 -13.24 17.54 6.72
C THR A 225 -13.03 16.54 5.60
N GLY A 226 -13.23 15.25 5.87
CA GLY A 226 -12.84 14.22 4.92
C GLY A 226 -11.35 14.08 4.72
N HIS A 227 -10.54 14.69 5.59
CA HIS A 227 -9.09 14.69 5.46
C HIS A 227 -8.45 14.09 6.69
N PHE A 228 -7.37 13.35 6.47
CA PHE A 228 -6.49 12.91 7.54
C PHE A 228 -5.29 13.84 7.68
N LYS A 229 -4.84 13.99 8.92
CA LYS A 229 -3.55 14.63 9.17
C LYS A 229 -2.45 13.85 8.47
N VAL A 230 -1.44 14.55 7.98
CA VAL A 230 -0.39 13.96 7.15
C VAL A 230 0.92 13.80 7.93
N PHE A 231 1.53 14.91 8.35
CA PHE A 231 2.86 14.94 8.98
C PHE A 231 2.74 15.62 10.34
N CYS A 232 2.96 14.87 11.40
CA CYS A 232 2.65 15.37 12.74
C CYS A 232 3.79 15.11 13.70
N ASP A 233 3.71 15.78 14.86
CA ASP A 233 4.58 15.44 15.98
C ASP A 233 3.95 14.29 16.78
N ASP A 234 4.50 13.99 17.96
CA ASP A 234 4.05 12.81 18.69
C ASP A 234 2.72 13.01 19.38
N ASN A 235 2.17 14.22 19.37
CA ASN A 235 0.83 14.48 19.84
C ASN A 235 -0.17 14.58 18.70
N TRP A 236 0.22 14.20 17.49
CA TRP A 236 -0.63 14.33 16.31
C TRP A 236 -1.03 15.78 16.05
N ASN A 237 -0.14 16.71 16.40
CA ASN A 237 -0.22 18.08 15.92
C ASN A 237 0.44 18.18 14.55
N GLU A 238 -0.28 18.76 13.58
CA GLU A 238 0.25 18.86 12.23
C GLU A 238 1.41 19.85 12.18
N LEU A 239 2.52 19.43 11.57
CA LEU A 239 3.70 20.26 11.43
C LEU A 239 3.65 21.17 10.22
N ILE A 240 2.73 20.92 9.30
CA ILE A 240 2.59 21.67 8.07
C ILE A 240 1.17 21.47 7.57
N LYS A 241 0.62 22.49 6.93
CA LYS A 241 -0.70 22.36 6.31
C LYS A 241 -0.58 21.46 5.08
N ALA A 242 -1.30 20.35 5.09
CA ALA A 242 -1.16 19.39 3.99
C ALA A 242 -2.41 18.53 3.89
N VAL A 243 -2.82 18.24 2.66
CA VAL A 243 -3.90 17.30 2.40
C VAL A 243 -3.44 16.38 1.28
N SER A 244 -3.45 15.08 1.54
CA SER A 244 -3.05 14.08 0.54
C SER A 244 -4.29 13.36 0.03
N TYR A 245 -4.71 13.69 -1.19
CA TYR A 245 -5.97 13.13 -1.69
C TYR A 245 -5.84 11.63 -1.93
N GLY A 246 -4.67 11.20 -2.40
CA GLY A 246 -4.46 9.77 -2.59
C GLY A 246 -4.47 8.99 -1.29
N HIS A 247 -3.78 9.50 -0.26
CA HIS A 247 -3.82 8.79 1.02
C HIS A 247 -5.23 8.81 1.63
N ASP A 248 -5.97 9.91 1.44
CA ASP A 248 -7.34 9.97 1.94
C ASP A 248 -8.18 8.85 1.34
N ILE A 249 -8.15 8.70 0.00
CA ILE A 249 -9.06 7.75 -0.63
C ILE A 249 -8.59 6.31 -0.39
N GLU A 250 -7.27 6.09 -0.27
CA GLU A 250 -6.78 4.77 0.13
C GLU A 250 -7.23 4.43 1.55
N ALA A 251 -7.11 5.38 2.47
CA ALA A 251 -7.54 5.14 3.84
C ALA A 251 -9.04 4.85 3.90
N SER A 252 -9.84 5.54 3.08
CA SER A 252 -11.28 5.31 3.09
CA SER A 252 -11.28 5.31 3.07
C SER A 252 -11.61 3.83 2.92
N TRP A 253 -11.06 3.18 1.88
CA TRP A 253 -11.48 1.81 1.69
C TRP A 253 -10.74 0.82 2.60
N LEU A 254 -9.49 1.14 2.99
CA LEU A 254 -8.78 0.29 3.95
C LEU A 254 -9.43 0.34 5.33
N LEU A 255 -9.95 1.51 5.73
CA LEU A 255 -10.70 1.58 6.98
C LEU A 255 -11.99 0.77 6.88
N ASP A 256 -12.69 0.83 5.76
CA ASP A 256 -13.89 0.00 5.59
C ASP A 256 -13.56 -1.48 5.68
N GLN A 257 -12.43 -1.88 5.09
N GLN A 257 -12.40 -1.87 5.16
CA GLN A 257 -12.00 -3.27 5.19
CA GLN A 257 -12.01 -3.27 5.17
C GLN A 257 -11.87 -3.68 6.65
C GLN A 257 -11.67 -3.77 6.56
N ALA A 258 -11.11 -2.90 7.41
CA ALA A 258 -10.89 -3.25 8.82
C ALA A 258 -12.21 -3.32 9.57
N ALA A 259 -13.16 -2.45 9.21
CA ALA A 259 -14.42 -2.37 9.95
C ALA A 259 -15.18 -3.69 9.92
N LYS A 260 -15.00 -4.49 8.86
CA LYS A 260 -15.62 -5.80 8.75
C LYS A 260 -15.41 -6.62 10.01
N TYR A 261 -14.23 -6.48 10.62
CA TYR A 261 -13.79 -7.35 11.69
C TYR A 261 -14.07 -6.80 13.08
N LEU A 262 -14.57 -5.57 13.20
CA LEU A 262 -14.73 -4.95 14.50
C LEU A 262 -15.86 -5.61 15.27
N LYS A 263 -15.63 -5.84 16.56
CA LYS A 263 -16.68 -6.36 17.41
C LYS A 263 -17.40 -5.25 18.17
N ASP A 264 -16.83 -4.05 18.22
CA ASP A 264 -17.47 -2.88 18.81
C ASP A 264 -18.41 -2.27 17.76
N GLU A 265 -19.72 -2.44 17.94
CA GLU A 265 -20.66 -2.03 16.89
C GLU A 265 -20.74 -0.51 16.78
N LYS A 266 -20.58 0.20 17.89
CA LYS A 266 -20.54 1.66 17.83
C LYS A 266 -19.35 2.14 17.00
N LEU A 267 -18.17 1.59 17.30
CA LEU A 267 -16.97 1.94 16.54
C LEU A 267 -17.14 1.60 15.07
N LYS A 268 -17.66 0.40 14.77
CA LYS A 268 -17.85 -0.02 13.39
C LYS A 268 -18.70 0.99 12.61
N GLU A 269 -19.80 1.44 13.23
CA GLU A 269 -20.66 2.42 12.56
C GLU A 269 -19.94 3.73 12.31
N GLU A 270 -19.21 4.22 13.32
CA GLU A 270 -18.42 5.45 13.16
C GLU A 270 -17.41 5.32 12.03
N VAL A 271 -16.74 4.16 11.95
CA VAL A 271 -15.72 3.97 10.92
C VAL A 271 -16.34 3.96 9.53
N GLU A 272 -17.46 3.25 9.37
CA GLU A 272 -18.09 3.21 8.06
C GLU A 272 -18.60 4.58 7.65
N LYS A 273 -19.15 5.34 8.61
CA LYS A 273 -19.56 6.71 8.30
C LYS A 273 -18.37 7.57 7.89
N LEU A 274 -17.27 7.47 8.66
CA LEU A 274 -16.07 8.25 8.33
C LEU A 274 -15.53 7.90 6.94
N ALA A 275 -15.49 6.62 6.62
CA ALA A 275 -14.96 6.20 5.32
C ALA A 275 -15.77 6.79 4.17
N LEU A 276 -17.09 6.85 4.32
N LEU A 276 -17.09 6.83 4.31
CA LEU A 276 -17.92 7.40 3.25
CA LEU A 276 -17.92 7.41 3.25
C LEU A 276 -17.79 8.93 3.20
C LEU A 276 -17.76 8.92 3.19
N GLU A 277 -17.66 9.58 4.36
CA GLU A 277 -17.42 11.01 4.36
C GLU A 277 -16.15 11.34 3.59
N VAL A 278 -15.09 10.55 3.79
CA VAL A 278 -13.85 10.80 3.07
C VAL A 278 -14.05 10.59 1.58
N ALA A 279 -14.75 9.52 1.19
CA ALA A 279 -14.98 9.26 -0.22
C ALA A 279 -15.77 10.39 -0.87
N GLN A 280 -16.79 10.90 -0.18
CA GLN A 280 -17.63 11.99 -0.70
C GLN A 280 -16.83 13.28 -0.89
N ILE A 281 -16.06 13.67 0.12
CA ILE A 281 -15.29 14.91 0.03
C ILE A 281 -14.16 14.77 -0.98
N THR A 282 -13.53 13.59 -1.07
CA THR A 282 -12.48 13.40 -2.06
C THR A 282 -13.02 13.54 -3.48
N LEU A 283 -14.17 12.92 -3.74
CA LEU A 283 -14.82 13.09 -5.04
C LEU A 283 -15.08 14.57 -5.33
N LYS A 284 -15.63 15.28 -4.35
CA LYS A 284 -15.98 16.68 -4.58
C LYS A 284 -14.74 17.54 -4.82
N GLU A 285 -13.71 17.39 -3.98
N GLU A 285 -13.71 17.41 -3.99
CA GLU A 285 -12.59 18.32 -3.98
CA GLU A 285 -12.61 18.35 -4.07
C GLU A 285 -11.47 17.96 -4.95
C GLU A 285 -11.57 17.97 -5.11
N ALA A 286 -11.34 16.68 -5.33
CA ALA A 286 -10.15 16.25 -6.06
C ALA A 286 -10.40 15.50 -7.36
N PHE A 287 -11.63 15.12 -7.68
CA PHE A 287 -11.91 14.39 -8.91
C PHE A 287 -12.38 15.37 -9.99
N ASP A 288 -11.72 15.37 -11.14
CA ASP A 288 -11.97 16.40 -12.15
C ASP A 288 -12.85 15.93 -13.29
N GLY A 289 -13.42 14.73 -13.19
CA GLY A 289 -14.23 14.13 -14.25
C GLY A 289 -13.52 13.03 -15.02
N GLN A 290 -12.21 12.97 -14.94
CA GLN A 290 -11.42 11.87 -15.48
C GLN A 290 -10.51 11.23 -14.46
N SER A 291 -9.91 12.01 -13.54
CA SER A 291 -8.95 11.42 -12.62
C SER A 291 -8.82 12.29 -11.37
N LEU A 292 -7.97 11.85 -10.43
CA LEU A 292 -7.77 12.52 -9.15
C LEU A 292 -6.46 13.31 -9.18
N ILE A 293 -6.48 14.51 -8.60
CA ILE A 293 -5.24 15.24 -8.38
C ILE A 293 -4.52 14.68 -7.16
N ASN A 294 -3.35 15.21 -6.85
CA ASN A 294 -2.41 14.54 -5.95
C ASN A 294 -2.51 15.01 -4.50
N GLU A 295 -2.16 16.27 -4.24
CA GLU A 295 -2.09 16.76 -2.87
C GLU A 295 -2.09 18.28 -2.88
N MET A 296 -2.31 18.85 -1.71
CA MET A 296 -2.15 20.28 -1.44
C MET A 296 -1.22 20.44 -0.26
N ILE A 297 -0.06 21.06 -0.50
CA ILE A 297 0.89 21.36 0.56
C ILE A 297 0.85 22.86 0.78
N GLU A 298 0.42 23.25 1.97
CA GLU A 298 0.16 24.66 2.28
C GLU A 298 -0.85 25.18 1.27
N ASP A 299 -0.47 26.10 0.40
CA ASP A 299 -1.39 26.62 -0.59
C ASP A 299 -1.13 26.10 -1.99
N ARG A 300 -0.15 25.21 -2.16
CA ARG A 300 0.25 24.74 -3.48
C ARG A 300 -0.51 23.46 -3.83
N ILE A 301 -1.33 23.51 -4.87
CA ILE A 301 -2.10 22.36 -5.30
C ILE A 301 -1.32 21.65 -6.40
N ASP A 302 -0.98 20.38 -6.17
CA ASP A 302 -0.27 19.57 -7.16
C ASP A 302 -1.32 18.82 -7.97
N ARG A 303 -1.48 19.21 -9.23
CA ARG A 303 -2.46 18.57 -10.11
C ARG A 303 -1.84 17.51 -11.01
N SER A 304 -0.62 17.07 -10.70
CA SER A 304 -0.06 15.92 -11.40
C SER A 304 -0.93 14.70 -11.14
N LYS A 305 -0.91 13.77 -12.09
CA LYS A 305 -1.65 12.52 -12.02
C LYS A 305 -0.64 11.39 -11.74
N ILE A 306 -0.63 10.90 -10.50
CA ILE A 306 0.35 9.93 -10.01
CA ILE A 306 0.36 9.93 -10.03
C ILE A 306 -0.25 8.54 -10.09
N TRP A 307 0.54 7.56 -10.57
CA TRP A 307 -0.02 6.24 -10.84
C TRP A 307 -0.72 5.64 -9.61
N TRP A 308 -0.09 5.72 -8.43
CA TRP A 308 -0.69 5.02 -7.30
C TRP A 308 -1.91 5.76 -6.79
N VAL A 309 -1.95 7.09 -6.96
CA VAL A 309 -3.13 7.86 -6.57
C VAL A 309 -4.33 7.45 -7.42
N GLU A 310 -4.14 7.32 -8.72
CA GLU A 310 -5.26 6.91 -9.58
C GLU A 310 -5.67 5.47 -9.29
N ALA A 311 -4.71 4.57 -9.04
CA ALA A 311 -5.07 3.20 -8.68
C ALA A 311 -5.94 3.17 -7.43
N GLU A 312 -5.54 3.90 -6.38
CA GLU A 312 -6.31 3.89 -5.14
C GLU A 312 -7.64 4.60 -5.29
N THR A 313 -7.73 5.54 -6.22
CA THR A 313 -9.00 6.19 -6.55
C THR A 313 -9.99 5.21 -7.15
N VAL A 314 -9.53 4.34 -8.04
CA VAL A 314 -10.43 3.34 -8.61
C VAL A 314 -10.99 2.44 -7.52
N VAL A 315 -10.11 1.94 -6.64
CA VAL A 315 -10.58 1.05 -5.58
C VAL A 315 -11.48 1.80 -4.63
N GLY A 316 -11.07 3.01 -4.21
CA GLY A 316 -11.80 3.72 -3.18
C GLY A 316 -13.17 4.14 -3.65
N PHE A 317 -13.27 4.59 -4.90
CA PHE A 317 -14.60 4.95 -5.39
C PHE A 317 -15.43 3.70 -5.68
N PHE A 318 -14.81 2.61 -6.15
CA PHE A 318 -15.60 1.40 -6.36
C PHE A 318 -16.16 0.89 -5.04
N ASN A 319 -15.36 1.01 -3.96
CA ASN A 319 -15.85 0.61 -2.65
C ASN A 319 -17.00 1.51 -2.20
N ALA A 320 -16.87 2.83 -2.40
CA ALA A 320 -17.97 3.72 -2.02
C ALA A 320 -19.23 3.40 -2.82
N TYR A 321 -19.06 3.02 -4.08
CA TYR A 321 -20.24 2.60 -4.88
C TYR A 321 -20.87 1.35 -4.23
N GLN A 322 -20.05 0.36 -3.93
CA GLN A 322 -20.62 -0.85 -3.35
C GLN A 322 -21.41 -0.56 -2.08
N LYS A 323 -20.90 0.37 -1.25
CA LYS A 323 -21.56 0.67 0.02
C LYS A 323 -22.85 1.48 -0.18
N THR A 324 -22.85 2.41 -1.13
CA THR A 324 -23.95 3.37 -1.26
C THR A 324 -24.85 3.13 -2.46
N LYS A 325 -24.37 2.45 -3.50
CA LYS A 325 -25.03 2.33 -4.80
C LYS A 325 -25.32 3.69 -5.42
N GLU A 326 -24.62 4.75 -5.00
CA GLU A 326 -24.68 6.03 -5.69
C GLU A 326 -23.82 5.94 -6.96
N GLU A 327 -24.47 6.02 -8.12
CA GLU A 327 -23.78 5.84 -9.43
C GLU A 327 -22.58 6.75 -9.62
N LYS A 328 -22.59 7.91 -8.97
CA LYS A 328 -21.48 8.85 -9.16
C LYS A 328 -20.14 8.22 -8.80
N TYR A 329 -20.14 7.30 -7.81
CA TYR A 329 -18.88 6.65 -7.43
C TYR A 329 -18.46 5.62 -8.46
N LEU A 330 -19.43 4.88 -9.01
CA LEU A 330 -19.11 3.92 -10.05
C LEU A 330 -18.59 4.63 -11.29
N ASP A 331 -19.28 5.69 -11.71
CA ASP A 331 -18.83 6.42 -12.88
C ASP A 331 -17.42 6.99 -12.67
N ALA A 332 -17.14 7.52 -11.48
CA ALA A 332 -15.80 8.07 -11.25
C ALA A 332 -14.73 6.99 -11.26
N ALA A 333 -15.04 5.82 -10.70
CA ALA A 333 -14.06 4.72 -10.70
C ALA A 333 -13.76 4.27 -12.12
N ILE A 334 -14.80 4.03 -12.94
CA ILE A 334 -14.54 3.58 -14.31
C ILE A 334 -13.85 4.66 -15.12
N LYS A 335 -14.23 5.93 -14.94
CA LYS A 335 -13.56 6.99 -15.69
C LYS A 335 -12.09 7.10 -15.29
N THR A 336 -11.77 6.89 -14.01
CA THR A 336 -10.38 6.97 -13.62
C THR A 336 -9.59 5.82 -14.23
N TRP A 337 -10.19 4.63 -14.34
CA TRP A 337 -9.51 3.54 -15.04
C TRP A 337 -9.29 3.88 -16.51
N GLU A 338 -10.28 4.50 -17.15
N GLU A 338 -10.29 4.49 -17.16
CA GLU A 338 -10.09 4.88 -18.54
CA GLU A 338 -10.10 4.90 -18.55
C GLU A 338 -8.98 5.92 -18.68
C GLU A 338 -8.96 5.90 -18.66
N PHE A 339 -8.88 6.85 -17.72
CA PHE A 339 -7.75 7.77 -17.72
C PHE A 339 -6.43 7.00 -17.62
N ILE A 340 -6.33 6.07 -16.68
CA ILE A 340 -5.12 5.27 -16.52
C ILE A 340 -4.75 4.61 -17.84
N LYS A 341 -5.72 3.92 -18.46
CA LYS A 341 -5.48 3.25 -19.73
C LYS A 341 -4.94 4.21 -20.79
N GLU A 342 -5.47 5.42 -20.82
CA GLU A 342 -5.10 6.36 -21.88
C GLU A 342 -3.77 7.05 -21.62
N HIS A 343 -3.41 7.29 -20.35
CA HIS A 343 -2.32 8.21 -20.05
C HIS A 343 -1.22 7.66 -19.15
N LEU A 344 -1.48 6.60 -18.39
CA LEU A 344 -0.49 6.07 -17.47
C LEU A 344 -0.02 4.67 -17.82
N VAL A 345 -0.81 3.88 -18.56
CA VAL A 345 -0.31 2.59 -19.03
C VAL A 345 0.68 2.84 -20.15
N ASP A 346 1.89 2.28 -20.01
CA ASP A 346 2.98 2.53 -20.94
C ASP A 346 2.70 1.83 -22.27
N ARG A 347 2.85 2.56 -23.37
CA ARG A 347 2.57 1.99 -24.68
C ARG A 347 3.78 1.30 -25.31
N ARG A 348 4.97 1.50 -24.74
CA ARG A 348 6.16 0.81 -25.22
C ARG A 348 6.02 -0.70 -25.00
N LYS A 349 6.75 -1.46 -25.81
CA LYS A 349 6.67 -2.91 -25.73
C LYS A 349 7.25 -3.41 -24.41
N ASN A 350 6.68 -4.49 -23.88
CA ASN A 350 7.16 -5.11 -22.64
C ASN A 350 7.38 -4.06 -21.56
N SER A 351 6.34 -3.27 -21.30
N SER A 351 6.34 -3.25 -21.32
CA SER A 351 6.45 -2.25 -20.26
CA SER A 351 6.38 -2.18 -20.34
C SER A 351 5.29 -2.41 -19.30
C SER A 351 5.29 -2.42 -19.29
N GLU A 352 5.09 -1.42 -18.44
CA GLU A 352 4.09 -1.52 -17.38
C GLU A 352 3.30 -0.22 -17.29
N TRP A 353 3.39 0.48 -16.15
CA TRP A 353 2.77 1.78 -15.96
C TRP A 353 3.83 2.86 -15.77
N LEU A 354 3.52 4.09 -16.20
CA LEU A 354 4.36 5.23 -15.90
C LEU A 354 4.09 5.75 -14.49
N TRP A 355 5.11 6.38 -13.90
CA TRP A 355 4.95 6.94 -12.55
C TRP A 355 3.92 8.07 -12.52
N LYS A 356 3.99 9.00 -13.48
CA LYS A 356 3.06 10.12 -13.46
C LYS A 356 3.05 10.83 -14.81
N VAL A 357 2.00 11.61 -15.03
CA VAL A 357 1.98 12.66 -16.03
C VAL A 357 1.71 13.96 -15.30
N ASN A 358 2.13 15.08 -15.89
CA ASN A 358 1.88 16.34 -15.22
C ASN A 358 0.46 16.81 -15.53
N GLU A 359 0.09 17.97 -14.99
CA GLU A 359 -1.26 18.50 -15.19
C GLU A 359 -1.61 18.61 -16.67
N ASP A 360 -0.61 18.83 -17.52
CA ASP A 360 -0.83 18.95 -18.94
C ASP A 360 -0.80 17.60 -19.65
N LEU A 361 -0.70 16.51 -18.87
CA LEU A 361 -0.72 15.13 -19.35
C LEU A 361 0.55 14.73 -20.09
N GLU A 362 1.66 15.38 -19.81
CA GLU A 362 2.94 15.00 -20.37
C GLU A 362 3.67 14.10 -19.37
N ALA A 363 4.26 13.02 -19.86
CA ALA A 363 5.00 12.13 -18.96
C ALA A 363 6.22 12.84 -18.41
N VAL A 364 6.49 12.61 -17.13
CA VAL A 364 7.63 13.18 -16.44
C VAL A 364 8.66 12.06 -16.28
N ASN A 365 9.94 12.39 -16.42
CA ASN A 365 10.98 11.36 -16.31
C ASN A 365 11.01 10.85 -14.88
N MET A 366 10.65 9.58 -14.70
CA MET A 366 10.62 8.92 -13.40
C MET A 366 10.91 7.44 -13.62
N PRO A 367 11.46 6.74 -12.63
CA PRO A 367 11.69 5.29 -12.79
C PRO A 367 10.38 4.53 -12.98
N ILE A 368 10.50 3.36 -13.63
CA ILE A 368 9.39 2.42 -13.74
C ILE A 368 9.37 1.46 -12.56
N VAL A 369 10.55 1.10 -12.03
CA VAL A 369 10.69 0.21 -10.89
C VAL A 369 11.68 0.82 -9.91
N GLU A 370 11.30 0.88 -8.64
CA GLU A 370 12.26 1.29 -7.62
C GLU A 370 11.66 0.95 -6.26
N GLN A 371 12.35 1.36 -5.18
CA GLN A 371 11.86 1.04 -3.84
C GLN A 371 10.38 1.38 -3.69
N TRP A 372 9.94 2.50 -4.27
CA TRP A 372 8.58 2.98 -4.04
C TRP A 372 7.61 2.76 -5.19
N LYS A 373 8.03 2.14 -6.31
CA LYS A 373 7.13 1.82 -7.40
C LYS A 373 7.25 0.32 -7.72
N CYS A 374 6.18 -0.39 -7.44
CA CYS A 374 6.14 -1.83 -7.32
C CYS A 374 4.84 -2.30 -7.97
N PRO A 375 4.47 -3.58 -7.84
CA PRO A 375 3.19 -4.04 -8.42
C PRO A 375 2.01 -4.01 -7.46
N TYR A 376 2.17 -3.37 -6.30
CA TYR A 376 1.16 -3.48 -5.24
C TYR A 376 -0.02 -2.56 -5.49
N HIS A 377 0.22 -1.25 -5.68
CA HIS A 377 -0.94 -0.36 -5.85
C HIS A 377 -1.74 -0.73 -7.10
N ASN A 378 -1.06 -0.90 -8.24
CA ASN A 378 -1.78 -1.13 -9.48
C ASN A 378 -2.24 -2.58 -9.58
N GLY A 379 -1.43 -3.54 -9.13
CA GLY A 379 -1.89 -4.91 -9.13
C GLY A 379 -3.08 -5.10 -8.20
N ARG A 380 -3.02 -4.48 -7.02
CA ARG A 380 -4.14 -4.61 -6.09
C ARG A 380 -5.41 -3.99 -6.64
N MET A 381 -5.30 -2.87 -7.38
CA MET A 381 -6.50 -2.30 -7.96
C MET A 381 -7.23 -3.32 -8.82
N CYS A 382 -6.48 -4.05 -9.65
CA CYS A 382 -7.12 -5.10 -10.45
C CYS A 382 -7.65 -6.24 -9.57
N LEU A 383 -6.81 -6.75 -8.67
CA LEU A 383 -7.21 -7.90 -7.86
C LEU A 383 -8.41 -7.59 -6.98
N GLU A 384 -8.47 -6.37 -6.42
CA GLU A 384 -9.59 -5.99 -5.56
C GLU A 384 -10.91 -5.97 -6.31
N ILE A 385 -10.94 -5.33 -7.48
CA ILE A 385 -12.16 -5.30 -8.28
C ILE A 385 -12.58 -6.72 -8.65
N ILE A 386 -11.62 -7.54 -9.11
CA ILE A 386 -11.92 -8.92 -9.50
C ILE A 386 -12.54 -9.68 -8.33
N LYS A 387 -11.95 -9.52 -7.14
CA LYS A 387 -12.36 -10.22 -5.92
C LYS A 387 -13.79 -9.87 -5.54
N ARG A 388 -14.12 -8.59 -5.53
N ARG A 388 -14.16 -8.60 -5.75
CA ARG A 388 -15.39 -8.21 -4.96
CA ARG A 388 -15.42 -7.99 -5.33
C ARG A 388 -16.53 -8.92 -5.70
C ARG A 388 -16.55 -8.14 -6.35
N VAL A 389 -17.57 -9.29 -4.97
N VAL A 389 -16.25 -8.13 -7.65
CA VAL A 389 -18.77 -9.83 -5.60
CA VAL A 389 -17.30 -8.18 -8.67
C VAL A 389 -19.82 -8.74 -5.57
C VAL A 389 -17.67 -9.60 -9.04
C1 FRU B . 0.35 4.70 -0.07
C2 FRU B . 1.94 4.88 0.01
C3 FRU B . 2.35 6.17 -0.33
C4 FRU B . 3.71 6.13 -1.14
C5 FRU B . 3.33 4.80 -1.97
C6 FRU B . 4.54 4.02 -2.55
O1 FRU B . -0.33 4.25 1.11
O2 FRU B . 2.38 4.53 1.26
O3 FRU B . 2.63 7.02 0.82
O4 FRU B . 4.12 7.16 -1.89
O5 FRU B . 2.63 3.96 -1.16
O6 FRU B . 4.13 3.47 -3.82
H11 FRU B . 0.17 4.05 -0.77
H12 FRU B . -0.03 5.56 -0.31
H3 FRU B . 1.60 6.49 -0.87
H4 FRU B . 4.47 6.12 -0.53
H5 FRU B . 2.78 5.12 -2.70
H61 FRU B . 5.30 4.63 -2.69
H62 FRU B . 4.81 3.32 -1.95
HO1 FRU B . -0.67 4.91 1.52
HO2 FRU B . 3.13 4.89 1.39
HO3 FRU B . 3.34 7.48 0.66
HO6 FRU B . 3.69 4.04 -4.27
C2 BGC B . 6.19 8.29 -2.48
C3 BGC B . 7.66 8.35 -2.13
C4 BGC B . 7.78 8.83 -0.70
C5 BGC B . 7.12 7.78 0.18
C6 BGC B . 7.11 8.25 1.62
C1 BGC B . 5.54 7.29 -1.55
O2 BGC B . 6.13 7.71 -3.77
O3 BGC B . 8.21 9.37 -2.95
O4 BGC B . 9.17 8.78 -0.37
O5 BGC B . 5.74 7.73 -0.20
O6 BGC B . 6.96 9.66 1.70
H2 BGC B . 5.76 9.16 -2.42
H3 BGC B . 8.10 7.49 -2.26
H4 BGC B . 7.41 9.71 -0.58
H5 BGC B . 7.54 6.91 0.10
H61 BGC B . 7.94 8.00 2.04
H62 BGC B . 6.36 7.83 2.08
H1 BGC B . 5.87 6.39 -1.69
HO2 BGC B . 6.26 8.26 -4.40
HO3 BGC B . 8.97 9.19 -3.28
HO4 BGC B . 9.35 9.00 0.43
HO6 BGC B . 6.18 9.91 1.95
CL CL C . 3.41 -0.25 -5.58
CL CL D . -18.64 2.89 4.46
CL CL E . 17.55 -16.16 -1.15
#